data_7C4B
#
_entry.id   7C4B
#
_cell.length_a   51.432
_cell.length_b   77.956
_cell.length_c   101.703
_cell.angle_alpha   90.000
_cell.angle_beta   90.000
_cell.angle_gamma   90.000
#
_symmetry.space_group_name_H-M   'P 21 21 21'
#
loop_
_entity.id
_entity.type
_entity.pdbx_description
1 polymer 'CCHC-type domain-containing protein'
2 non-polymer 'ZINC ION'
3 non-polymer 'MANGANESE (II) ION'
4 non-polymer "URIDINE-5'-MONOPHOSPHATE"
5 water water
#
_entity_poly.entity_id   1
_entity_poly.type   'polypeptide(L)'
_entity_poly.pdbx_seq_one_letter_code
;TSSATSSSS(MSE)ILKYPYRVVDTHEKLKEAVTSLQGARSIALDIEAFCTTDQAKQLGRISLVQACSDAKPVVFLFDVL
TLTPDVFVKD(MSE)QSLLSDREIRKLFFDCRRDVEALSCQLGVKPEGVLDLQVFFTAIQWKLRSVNRRSG(MSE)GYVL
KSVAGLTRQEGDSAVQTA(MSE)TLGNRPVWDIRPLPDHFLEYAAGDVRHILLLSNYLVGNKDVPVDVVAVERLTAQYVE
HYAVGKPVITEADATPAEVNRAWLERYIGPGGGCHFCGAKGHTEAECFKKQNGKAKCSFCGEVGHTARNCFKKHPQLLTC
EKCGQLGHTGTSCFRTNPCKHCGGPHSSANCHKVIWQQKRLGENSLH
;
_entity_poly.pdbx_strand_id   A
#
loop_
_chem_comp.id
_chem_comp.type
_chem_comp.name
_chem_comp.formula
MN non-polymer 'MANGANESE (II) ION' 'Mn 2'
U5P non-polymer URIDINE-5'-MONOPHOSPHATE 'C9 H13 N2 O9 P'
ZN non-polymer 'ZINC ION' 'Zn 2'
#
# COMPACT_ATOMS: atom_id res chain seq x y z
N SER A 6 -19.11 3.97 -2.73
CA SER A 6 -19.89 2.79 -3.08
C SER A 6 -19.47 1.61 -2.22
N SER A 7 -19.00 0.54 -2.87
CA SER A 7 -18.52 -0.63 -2.14
C SER A 7 -17.23 -0.35 -1.38
N SER A 8 -16.56 0.78 -1.63
CA SER A 8 -15.39 1.14 -0.86
C SER A 8 -15.73 1.57 0.56
N SER A 9 -16.97 2.00 0.80
CA SER A 9 -17.36 2.42 2.14
C SER A 9 -17.52 1.24 3.08
N MSE A 10 -17.99 0.10 2.57
CA MSE A 10 -18.23 -1.06 3.42
C MSE A 10 -16.95 -1.73 3.89
O MSE A 10 -16.95 -2.45 4.89
CB MSE A 10 -19.11 -2.08 2.68
CG MSE A 10 -20.54 -1.64 2.49
SE MSE A 10 -21.79 -3.13 2.60
CE MSE A 10 -21.07 -4.26 1.18
N ILE A 11 -15.85 -1.50 3.16
CA ILE A 11 -14.59 -2.20 3.45
C ILE A 11 -14.11 -1.87 4.86
N LEU A 12 -14.13 -0.59 5.22
CA LEU A 12 -13.58 -0.14 6.50
C LEU A 12 -14.43 -0.55 7.69
N LYS A 13 -15.69 -0.96 7.47
CA LYS A 13 -16.54 -1.41 8.55
C LYS A 13 -16.61 -2.94 8.64
N TYR A 14 -15.68 -3.62 7.99
CA TYR A 14 -15.54 -5.06 8.18
C TYR A 14 -15.10 -5.35 9.61
N PRO A 15 -15.77 -6.25 10.33
CA PRO A 15 -15.30 -6.62 11.67
C PRO A 15 -14.20 -7.67 11.58
N TYR A 16 -13.38 -7.72 12.63
CA TYR A 16 -12.31 -8.69 12.69
C TYR A 16 -12.77 -9.97 13.38
N ARG A 17 -12.24 -11.09 12.90
CA ARG A 17 -12.44 -12.39 13.54
C ARG A 17 -11.07 -12.94 13.92
N VAL A 18 -10.87 -13.17 15.22
CA VAL A 18 -9.64 -13.78 15.69
C VAL A 18 -9.64 -15.25 15.30
N VAL A 19 -8.58 -15.68 14.63
CA VAL A 19 -8.41 -17.07 14.21
C VAL A 19 -7.26 -17.64 15.04
N ASP A 20 -7.60 -18.42 16.06
CA ASP A 20 -6.58 -18.97 16.96
C ASP A 20 -6.78 -20.45 17.24
N THR A 21 -7.67 -21.13 16.52
CA THR A 21 -7.87 -22.56 16.66
C THR A 21 -7.80 -23.23 15.30
N HIS A 22 -7.59 -24.54 15.31
CA HIS A 22 -7.52 -25.30 14.06
C HIS A 22 -8.84 -25.27 13.30
N GLU A 23 -9.97 -25.28 14.03
CA GLU A 23 -11.27 -25.21 13.37
C GLU A 23 -11.51 -23.84 12.75
N LYS A 24 -11.16 -22.77 13.47
CA LYS A 24 -11.28 -21.43 12.91
C LYS A 24 -10.32 -21.22 11.74
N LEU A 25 -9.18 -21.92 11.75
CA LEU A 25 -8.23 -21.78 10.66
C LEU A 25 -8.76 -22.42 9.38
N LYS A 26 -9.45 -23.56 9.51
CA LYS A 26 -10.01 -24.21 8.32
C LYS A 26 -11.21 -23.43 7.79
N GLU A 27 -12.00 -22.83 8.68
CA GLU A 27 -13.13 -22.01 8.22
C GLU A 27 -12.64 -20.76 7.50
N ALA A 28 -11.49 -20.22 7.91
CA ALA A 28 -10.95 -19.03 7.25
C ALA A 28 -10.29 -19.39 5.92
N VAL A 29 -9.62 -20.54 5.86
CA VAL A 29 -8.95 -20.95 4.62
C VAL A 29 -9.97 -21.17 3.51
N THR A 30 -11.10 -21.83 3.84
CA THR A 30 -12.13 -22.07 2.83
C THR A 30 -12.68 -20.75 2.28
N SER A 31 -12.84 -19.75 3.15
CA SER A 31 -13.33 -18.45 2.69
C SER A 31 -12.31 -17.77 1.78
N LEU A 32 -11.04 -17.76 2.19
CA LEU A 32 -10.01 -17.12 1.39
C LEU A 32 -9.73 -17.89 0.10
N GLN A 33 -10.05 -19.17 0.05
CA GLN A 33 -9.83 -19.95 -1.16
C GLN A 33 -10.72 -19.48 -2.31
N GLY A 34 -11.92 -19.01 -2.00
CA GLY A 34 -12.86 -18.60 -3.02
C GLY A 34 -12.72 -17.14 -3.38
N ALA A 35 -11.60 -16.54 -3.01
CA ALA A 35 -11.36 -15.13 -3.24
C ALA A 35 -10.52 -14.91 -4.50
N ARG A 36 -10.52 -13.66 -4.97
CA ARG A 36 -9.72 -13.22 -6.11
C ARG A 36 -8.55 -12.33 -5.70
N SER A 37 -8.75 -11.49 -4.68
CA SER A 37 -7.69 -10.68 -4.10
C SER A 37 -7.73 -10.84 -2.59
N ILE A 38 -6.54 -10.82 -1.97
CA ILE A 38 -6.40 -10.96 -0.53
C ILE A 38 -5.40 -9.92 -0.05
N ALA A 39 -5.84 -8.99 0.79
CA ALA A 39 -4.95 -8.02 1.39
C ALA A 39 -4.26 -8.63 2.60
N LEU A 40 -2.96 -8.40 2.73
CA LEU A 40 -2.14 -9.06 3.74
C LEU A 40 -1.30 -8.05 4.50
N ASP A 41 -1.04 -8.37 5.76
CA ASP A 41 -0.19 -7.57 6.63
C ASP A 41 0.34 -8.46 7.74
N ILE A 42 1.33 -7.96 8.47
CA ILE A 42 1.96 -8.72 9.55
C ILE A 42 2.19 -7.79 10.74
N GLU A 43 1.89 -8.29 11.93
CA GLU A 43 2.31 -7.68 13.18
C GLU A 43 3.34 -8.59 13.83
N ALA A 44 4.51 -8.04 14.14
CA ALA A 44 5.62 -8.81 14.68
C ALA A 44 6.11 -8.19 15.98
N PHE A 45 6.91 -8.98 16.71
CA PHE A 45 7.53 -8.49 17.93
C PHE A 45 8.42 -7.29 17.64
N CYS A 46 8.32 -6.27 18.49
CA CYS A 46 9.25 -5.15 18.40
C CYS A 46 10.63 -5.60 18.83
N THR A 47 11.65 -5.16 18.10
CA THR A 47 13.03 -5.57 18.32
C THR A 47 13.80 -4.45 19.00
N THR A 48 14.58 -4.81 20.02
CA THR A 48 15.41 -3.82 20.71
C THR A 48 16.51 -3.31 19.78
N ASP A 49 17.05 -4.17 18.92
CA ASP A 49 18.11 -3.76 18.01
C ASP A 49 17.64 -2.74 16.98
N GLN A 50 16.34 -2.65 16.74
CA GLN A 50 15.77 -1.73 15.74
C GLN A 50 16.41 -1.96 14.37
N ALA A 51 16.78 -3.20 14.09
CA ALA A 51 17.43 -3.54 12.83
C ALA A 51 16.38 -3.73 11.74
N LYS A 52 16.82 -4.17 10.56
CA LYS A 52 15.92 -4.25 9.42
C LYS A 52 14.91 -5.38 9.59
N GLN A 53 15.38 -6.59 9.87
CA GLN A 53 14.51 -7.77 9.88
C GLN A 53 13.39 -7.62 10.90
N LEU A 54 12.17 -7.96 10.49
CA LEU A 54 11.04 -7.95 11.40
C LEU A 54 11.27 -8.92 12.53
N GLY A 55 10.62 -8.66 13.66
CA GLY A 55 10.69 -9.56 14.79
C GLY A 55 9.88 -10.81 14.55
N ARG A 56 9.74 -11.59 15.62
CA ARG A 56 8.96 -12.82 15.57
C ARG A 56 7.52 -12.51 15.17
N ILE A 57 7.00 -13.25 14.19
CA ILE A 57 5.65 -13.01 13.70
C ILE A 57 4.65 -13.33 14.79
N SER A 58 3.74 -12.39 15.06
CA SER A 58 2.68 -12.56 16.03
C SER A 58 1.31 -12.74 15.38
N LEU A 59 0.94 -11.83 14.48
CA LEU A 59 -0.31 -11.92 13.75
C LEU A 59 -0.03 -11.79 12.26
N VAL A 60 -0.85 -12.48 11.46
CA VAL A 60 -0.95 -12.25 10.02
C VAL A 60 -2.39 -11.85 9.74
N GLN A 61 -2.58 -10.66 9.19
CA GLN A 61 -3.90 -10.12 8.91
C GLN A 61 -4.26 -10.36 7.45
N ALA A 62 -5.52 -10.75 7.22
CA ALA A 62 -6.00 -11.05 5.88
C ALA A 62 -7.41 -10.50 5.69
N CYS A 63 -7.64 -9.89 4.53
CA CYS A 63 -8.95 -9.34 4.20
C CYS A 63 -9.14 -9.48 2.69
N SER A 64 -10.10 -10.31 2.29
CA SER A 64 -10.34 -10.61 0.88
C SER A 64 -11.67 -10.03 0.42
N ASP A 65 -11.93 -10.16 -0.88
CA ASP A 65 -13.18 -9.72 -1.49
C ASP A 65 -14.24 -10.81 -1.49
N ALA A 66 -13.97 -11.97 -0.90
CA ALA A 66 -14.93 -13.06 -0.88
C ALA A 66 -15.82 -13.06 0.36
N LYS A 67 -15.49 -12.26 1.38
CA LYS A 67 -16.26 -12.25 2.62
C LYS A 67 -16.03 -10.94 3.33
N PRO A 68 -17.12 -10.28 3.91
CA PRO A 68 -16.95 -8.98 4.62
C PRO A 68 -16.41 -9.16 6.03
N VAL A 69 -15.13 -9.48 6.13
CA VAL A 69 -14.51 -9.78 7.42
C VAL A 69 -13.01 -9.66 7.27
N VAL A 70 -12.32 -9.40 8.39
CA VAL A 70 -10.86 -9.30 8.44
C VAL A 70 -10.37 -10.41 9.37
N PHE A 71 -9.67 -11.39 8.80
CA PHE A 71 -9.14 -12.48 9.61
C PHE A 71 -7.83 -12.06 10.27
N LEU A 72 -7.72 -12.33 11.57
CA LEU A 72 -6.50 -12.08 12.34
C LEU A 72 -5.96 -13.43 12.78
N PHE A 73 -5.03 -13.98 12.00
CA PHE A 73 -4.43 -15.28 12.31
C PHE A 73 -3.41 -15.10 13.43
N ASP A 74 -3.70 -15.68 14.59
CA ASP A 74 -2.77 -15.67 15.72
C ASP A 74 -1.70 -16.73 15.44
N VAL A 75 -0.64 -16.32 14.75
CA VAL A 75 0.45 -17.24 14.43
C VAL A 75 1.15 -17.68 15.70
N LEU A 76 1.19 -16.82 16.72
CA LEU A 76 1.85 -17.19 17.98
C LEU A 76 1.13 -18.35 18.65
N THR A 77 -0.21 -18.28 18.72
CA THR A 77 -0.99 -19.33 19.37
C THR A 77 -1.07 -20.57 18.49
N LEU A 78 -1.36 -20.38 17.19
CA LEU A 78 -1.50 -21.51 16.29
C LEU A 78 -0.17 -22.23 16.06
N THR A 79 0.95 -21.51 16.20
CA THR A 79 2.32 -21.87 15.82
C THR A 79 2.45 -21.77 14.30
N PRO A 80 3.61 -21.31 13.81
CA PRO A 80 3.82 -21.25 12.35
C PRO A 80 3.54 -22.56 11.62
N ASP A 81 3.90 -23.71 12.21
CA ASP A 81 3.75 -24.98 11.51
C ASP A 81 2.29 -25.25 11.17
N VAL A 82 1.38 -25.04 12.13
CA VAL A 82 -0.04 -25.25 11.88
C VAL A 82 -0.57 -24.24 10.89
N PHE A 83 -0.16 -22.98 11.02
CA PHE A 83 -0.65 -21.94 10.13
C PHE A 83 -0.16 -22.15 8.69
N VAL A 84 1.08 -22.62 8.53
CA VAL A 84 1.62 -22.82 7.20
C VAL A 84 0.95 -24.01 6.51
N LYS A 85 0.68 -25.07 7.25
CA LYS A 85 0.22 -26.32 6.64
C LYS A 85 -1.08 -26.14 5.86
N ASP A 86 -1.90 -25.17 6.25
CA ASP A 86 -3.19 -24.94 5.61
C ASP A 86 -3.25 -23.62 4.85
N MSE A 87 -2.19 -22.83 4.85
CA MSE A 87 -2.16 -21.55 4.13
C MSE A 87 -1.14 -21.54 3.00
O MSE A 87 -1.06 -20.58 2.25
CB MSE A 87 -1.87 -20.40 5.10
CG MSE A 87 -3.03 -20.02 5.99
SE MSE A 87 -4.34 -18.90 5.06
CE MSE A 87 -3.24 -17.30 4.83
N GLN A 88 -0.35 -22.62 2.89
CA GLN A 88 0.77 -22.62 1.97
C GLN A 88 0.30 -22.54 0.52
N SER A 89 -0.57 -23.45 0.10
CA SER A 89 -1.03 -23.47 -1.28
C SER A 89 -1.78 -22.19 -1.62
N LEU A 90 -2.53 -21.65 -0.66
CA LEU A 90 -3.23 -20.38 -0.86
C LEU A 90 -2.26 -19.28 -1.22
N LEU A 91 -1.19 -19.12 -0.43
CA LEU A 91 -0.17 -18.11 -0.72
C LEU A 91 0.65 -18.45 -1.96
N SER A 92 0.71 -19.74 -2.32
CA SER A 92 1.44 -20.17 -3.51
C SER A 92 0.60 -20.08 -4.78
N ASP A 93 -0.70 -19.84 -4.65
CA ASP A 93 -1.60 -19.81 -5.80
C ASP A 93 -1.46 -18.45 -6.49
N ARG A 94 -0.84 -18.45 -7.68
CA ARG A 94 -0.66 -17.20 -8.42
C ARG A 94 -1.98 -16.67 -8.97
N GLU A 95 -3.02 -17.50 -9.04
CA GLU A 95 -4.32 -17.05 -9.51
C GLU A 95 -5.04 -16.16 -8.51
N ILE A 96 -4.55 -16.06 -7.27
CA ILE A 96 -5.13 -15.21 -6.24
C ILE A 96 -4.15 -14.09 -5.96
N ARG A 97 -4.58 -12.85 -6.17
CA ARG A 97 -3.71 -11.70 -5.97
C ARG A 97 -3.56 -11.40 -4.48
N LYS A 98 -2.31 -11.25 -4.03
CA LYS A 98 -2.01 -10.89 -2.65
C LYS A 98 -1.58 -9.43 -2.61
N LEU A 99 -2.31 -8.63 -1.85
CA LEU A 99 -2.11 -7.18 -1.82
C LEU A 99 -1.29 -6.80 -0.59
N PHE A 100 -0.27 -5.97 -0.80
CA PHE A 100 0.58 -5.46 0.27
C PHE A 100 0.74 -3.95 0.12
N PHE A 101 1.14 -3.31 1.22
CA PHE A 101 1.64 -1.94 1.20
C PHE A 101 3.05 -1.99 1.79
N ASP A 102 4.05 -1.87 0.90
CA ASP A 102 5.44 -2.17 1.22
C ASP A 102 5.57 -3.63 1.67
N CYS A 103 5.90 -4.52 0.74
CA CYS A 103 5.97 -5.95 1.02
C CYS A 103 7.35 -6.42 1.45
N ARG A 104 8.36 -5.56 1.40
CA ARG A 104 9.76 -5.97 1.53
C ARG A 104 10.04 -6.78 2.80
N ARG A 105 9.90 -6.16 3.97
CA ARG A 105 10.20 -6.87 5.21
C ARG A 105 9.17 -7.94 5.51
N ASP A 106 7.94 -7.77 5.02
CA ASP A 106 6.92 -8.80 5.23
C ASP A 106 7.24 -10.05 4.43
N VAL A 107 7.65 -9.89 3.17
CA VAL A 107 8.04 -11.03 2.36
C VAL A 107 9.28 -11.70 2.95
N GLU A 108 10.21 -10.90 3.47
CA GLU A 108 11.39 -11.44 4.13
C GLU A 108 11.00 -12.29 5.33
N ALA A 109 10.01 -11.84 6.12
CA ALA A 109 9.60 -12.58 7.30
C ALA A 109 8.84 -13.85 6.92
N LEU A 110 7.98 -13.77 5.92
CA LEU A 110 7.30 -14.98 5.44
C LEU A 110 8.30 -16.02 4.98
N SER A 111 9.38 -15.58 4.35
CA SER A 111 10.40 -16.50 3.86
C SER A 111 11.25 -17.05 5.00
N CYS A 112 11.75 -16.16 5.87
CA CYS A 112 12.65 -16.59 6.93
C CYS A 112 11.92 -17.39 8.01
N GLN A 113 10.82 -16.85 8.52
CA GLN A 113 10.16 -17.45 9.68
C GLN A 113 9.19 -18.56 9.29
N LEU A 114 8.47 -18.41 8.18
CA LEU A 114 7.47 -19.40 7.78
C LEU A 114 7.93 -20.29 6.64
N GLY A 115 8.98 -19.91 5.92
CA GLY A 115 9.46 -20.71 4.82
C GLY A 115 8.55 -20.74 3.61
N VAL A 116 7.71 -19.73 3.43
CA VAL A 116 6.79 -19.65 2.30
C VAL A 116 7.14 -18.43 1.46
N LYS A 117 6.96 -18.55 0.16
CA LYS A 117 7.20 -17.46 -0.76
C LYS A 117 5.92 -17.22 -1.54
N PRO A 118 5.22 -16.10 -1.31
CA PRO A 118 3.91 -15.91 -1.95
C PRO A 118 4.06 -15.70 -3.45
N GLU A 119 3.02 -16.13 -4.17
CA GLU A 119 2.91 -15.93 -5.62
C GLU A 119 1.74 -15.01 -5.92
N GLY A 120 1.86 -14.27 -7.01
CA GLY A 120 0.79 -13.37 -7.42
C GLY A 120 0.66 -12.15 -6.52
N VAL A 121 1.78 -11.51 -6.20
CA VAL A 121 1.80 -10.40 -5.25
C VAL A 121 1.69 -9.09 -6.01
N LEU A 122 0.99 -8.11 -5.41
CA LEU A 122 0.91 -6.75 -5.93
C LEU A 122 1.11 -5.79 -4.77
N ASP A 123 2.13 -4.95 -4.87
CA ASP A 123 2.49 -4.00 -3.82
C ASP A 123 1.90 -2.63 -4.16
N LEU A 124 0.85 -2.24 -3.44
CA LEU A 124 0.15 -1.00 -3.75
C LEU A 124 0.98 0.24 -3.46
N GLN A 125 1.95 0.16 -2.54
CA GLN A 125 2.86 1.29 -2.38
C GLN A 125 3.76 1.44 -3.61
N VAL A 126 4.26 0.32 -4.13
CA VAL A 126 5.01 0.36 -5.39
C VAL A 126 4.12 0.84 -6.53
N PHE A 127 2.86 0.40 -6.53
CA PHE A 127 1.90 0.85 -7.53
C PHE A 127 1.80 2.38 -7.55
N PHE A 128 1.72 2.99 -6.36
CA PHE A 128 1.62 4.44 -6.30
C PHE A 128 2.89 5.11 -6.82
N THR A 129 4.05 4.61 -6.39
CA THR A 129 5.31 5.18 -6.87
C THR A 129 5.46 4.99 -8.38
N ALA A 130 4.94 3.90 -8.93
CA ALA A 130 4.98 3.70 -10.37
C ALA A 130 4.17 4.77 -11.10
N ILE A 131 3.03 5.16 -10.53
CA ILE A 131 2.26 6.27 -11.10
C ILE A 131 3.05 7.57 -10.99
N GLN A 132 3.69 7.80 -9.84
CA GLN A 132 4.51 8.99 -9.67
C GLN A 132 5.70 9.00 -10.61
N TRP A 133 6.22 7.82 -10.95
CA TRP A 133 7.35 7.76 -11.87
C TRP A 133 6.92 8.08 -13.30
N LYS A 134 5.82 7.49 -13.74
CA LYS A 134 5.35 7.69 -15.11
C LYS A 134 4.94 9.13 -15.37
N LEU A 135 4.46 9.84 -14.34
CA LEU A 135 3.96 11.20 -14.50
C LEU A 135 5.00 12.27 -14.18
N ARG A 136 5.86 12.02 -13.18
CA ARG A 136 6.73 13.08 -12.65
C ARG A 136 8.19 12.68 -12.52
N SER A 137 8.57 11.45 -12.89
CA SER A 137 9.91 10.94 -12.67
C SER A 137 10.28 10.98 -11.18
N VAL A 138 9.30 10.67 -10.33
CA VAL A 138 9.48 10.60 -8.88
C VAL A 138 9.49 9.13 -8.49
N ASN A 139 10.54 8.72 -7.78
CA ASN A 139 10.69 7.34 -7.34
C ASN A 139 10.53 7.16 -5.84
N ARG A 140 10.11 8.21 -5.12
CA ARG A 140 9.99 8.11 -3.68
C ARG A 140 8.76 7.28 -3.29
N ARG A 141 8.86 6.63 -2.14
CA ARG A 141 7.75 5.88 -1.56
C ARG A 141 6.95 6.79 -0.65
N SER A 142 5.63 6.63 -0.67
CA SER A 142 4.73 7.41 0.15
C SER A 142 4.06 6.53 1.20
N GLY A 143 3.79 7.13 2.35
CA GLY A 143 3.10 6.43 3.41
C GLY A 143 1.64 6.17 3.09
N MSE A 144 1.03 5.30 3.87
CA MSE A 144 -0.36 4.89 3.69
C MSE A 144 -1.32 6.08 3.65
O MSE A 144 -2.20 6.15 2.78
CB MSE A 144 -0.78 3.93 4.80
CG MSE A 144 -2.24 3.52 4.73
SE MSE A 144 -2.59 2.26 3.30
CE MSE A 144 -1.93 0.64 4.17
N GLY A 145 -1.17 7.01 4.59
CA GLY A 145 -2.08 8.14 4.66
C GLY A 145 -2.01 9.03 3.44
N TYR A 146 -0.78 9.35 3.00
CA TYR A 146 -0.60 10.15 1.79
C TYR A 146 -1.27 9.48 0.59
N VAL A 147 -1.13 8.15 0.48
CA VAL A 147 -1.70 7.44 -0.65
C VAL A 147 -3.23 7.40 -0.54
N LEU A 148 -3.74 7.19 0.68
CA LEU A 148 -5.19 7.17 0.86
C LEU A 148 -5.82 8.51 0.51
N LYS A 149 -5.16 9.60 0.88
CA LYS A 149 -5.68 10.93 0.57
C LYS A 149 -5.54 11.24 -0.92
N SER A 150 -4.39 10.90 -1.51
CA SER A 150 -4.16 11.26 -2.91
C SER A 150 -5.01 10.41 -3.86
N VAL A 151 -5.20 9.14 -3.54
CA VAL A 151 -5.89 8.22 -4.44
C VAL A 151 -7.39 8.21 -4.18
N ALA A 152 -7.79 8.04 -2.92
CA ALA A 152 -9.19 7.88 -2.57
C ALA A 152 -9.78 9.10 -1.88
N GLY A 153 -9.02 10.17 -1.70
CA GLY A 153 -9.53 11.35 -1.02
C GLY A 153 -9.99 11.08 0.39
N LEU A 154 -9.30 10.20 1.10
CA LEU A 154 -9.72 9.75 2.42
C LEU A 154 -8.62 10.02 3.45
N THR A 155 -9.00 10.66 4.55
CA THR A 155 -8.11 10.85 5.69
C THR A 155 -8.41 9.75 6.70
N ARG A 156 -7.47 8.81 6.84
CA ARG A 156 -7.66 7.69 7.74
C ARG A 156 -7.75 8.14 9.19
N GLN A 157 -8.53 7.41 9.98
CA GLN A 157 -8.69 7.74 11.39
C GLN A 157 -7.35 7.58 12.12
N GLU A 158 -7.26 8.23 13.27
CA GLU A 158 -6.02 8.21 14.04
C GLU A 158 -5.77 6.82 14.60
N GLY A 159 -4.52 6.37 14.50
CA GLY A 159 -4.12 5.16 15.17
C GLY A 159 -4.02 5.36 16.67
N ASP A 160 -4.34 4.30 17.42
CA ASP A 160 -4.33 4.39 18.87
C ASP A 160 -2.94 4.74 19.37
N SER A 161 -2.85 5.86 20.11
CA SER A 161 -1.55 6.36 20.52
C SER A 161 -0.91 5.49 21.60
N ALA A 162 -1.72 4.76 22.38
CA ALA A 162 -1.14 3.84 23.36
C ALA A 162 -0.39 2.71 22.67
N VAL A 163 -0.97 2.15 21.61
CA VAL A 163 -0.26 1.12 20.84
C VAL A 163 0.90 1.75 20.06
N GLN A 164 0.69 2.95 19.52
CA GLN A 164 1.73 3.58 18.70
C GLN A 164 2.94 3.96 19.54
N THR A 165 2.72 4.46 20.76
CA THR A 165 3.84 4.85 21.60
C THR A 165 4.64 3.65 22.07
N ALA A 166 3.96 2.55 22.42
CA ALA A 166 4.65 1.36 22.87
C ALA A 166 5.54 0.78 21.76
N MSE A 167 5.08 0.85 20.52
CA MSE A 167 5.84 0.34 19.39
C MSE A 167 7.03 1.25 19.06
O MSE A 167 8.12 0.76 18.76
CB MSE A 167 4.95 0.18 18.16
CG MSE A 167 4.06 -1.06 18.20
SE MSE A 167 2.84 -1.15 16.69
CE MSE A 167 4.11 -0.78 15.26
N THR A 168 6.81 2.56 19.11
CA THR A 168 7.92 3.50 18.92
C THR A 168 8.88 3.42 20.10
N LEU A 169 8.40 3.00 21.27
CA LEU A 169 9.25 2.93 22.46
C LEU A 169 10.28 1.82 22.32
N GLY A 170 9.84 0.62 21.96
CA GLY A 170 10.75 -0.45 21.59
C GLY A 170 11.40 -1.21 22.72
N ASN A 171 10.92 -1.06 23.95
CA ASN A 171 11.50 -1.82 25.05
C ASN A 171 11.05 -3.28 25.04
N ARG A 172 9.83 -3.53 24.58
CA ARG A 172 9.17 -4.81 24.75
C ARG A 172 8.69 -5.35 23.41
N PRO A 173 8.45 -6.66 23.32
CA PRO A 173 7.84 -7.21 22.10
C PRO A 173 6.45 -6.67 21.82
N VAL A 174 5.75 -6.20 22.85
CA VAL A 174 4.41 -5.62 22.73
C VAL A 174 3.39 -6.67 22.29
N TRP A 175 3.58 -7.24 21.10
CA TRP A 175 2.62 -8.16 20.53
C TRP A 175 2.74 -9.58 21.05
N ASP A 176 3.45 -9.79 22.17
CA ASP A 176 3.57 -11.11 22.76
C ASP A 176 2.43 -11.45 23.71
N ILE A 177 1.73 -10.44 24.23
CA ILE A 177 0.74 -10.67 25.28
C ILE A 177 -0.47 -11.39 24.71
N ARG A 178 -0.95 -12.38 25.45
CA ARG A 178 -2.17 -13.10 25.09
C ARG A 178 -3.07 -13.26 26.32
N PRO A 179 -4.37 -12.96 26.17
CA PRO A 179 -5.02 -12.50 24.93
C PRO A 179 -4.70 -11.05 24.60
N LEU A 180 -5.00 -10.65 23.39
CA LEU A 180 -4.71 -9.26 23.04
C LEU A 180 -5.89 -8.36 23.38
N PRO A 181 -5.63 -7.16 23.88
CA PRO A 181 -6.71 -6.20 24.11
C PRO A 181 -7.42 -5.85 22.81
N ASP A 182 -8.66 -5.39 22.94
CA ASP A 182 -9.47 -5.09 21.77
C ASP A 182 -8.88 -3.97 20.92
N HIS A 183 -8.22 -2.99 21.56
CA HIS A 183 -7.65 -1.88 20.80
C HIS A 183 -6.34 -2.27 20.12
N PHE A 184 -5.71 -3.38 20.54
CA PHE A 184 -4.62 -3.95 19.76
C PHE A 184 -5.16 -4.72 18.56
N LEU A 185 -6.20 -5.53 18.78
CA LEU A 185 -6.82 -6.26 17.68
C LEU A 185 -7.38 -5.30 16.63
N GLU A 186 -8.04 -4.23 17.07
CA GLU A 186 -8.57 -3.25 16.12
C GLU A 186 -7.45 -2.52 15.39
N TYR A 187 -6.38 -2.16 16.11
CA TYR A 187 -5.23 -1.54 15.46
C TYR A 187 -4.64 -2.47 14.40
N ALA A 188 -4.56 -3.77 14.69
CA ALA A 188 -3.94 -4.70 13.77
C ALA A 188 -4.75 -4.88 12.49
N ALA A 189 -6.07 -4.79 12.58
CA ALA A 189 -6.94 -5.00 11.43
C ALA A 189 -7.08 -3.76 10.54
N GLY A 190 -6.44 -2.65 10.91
CA GLY A 190 -6.68 -1.42 10.18
C GLY A 190 -6.04 -1.38 8.81
N ASP A 191 -4.80 -1.87 8.69
CA ASP A 191 -4.06 -1.70 7.45
C ASP A 191 -4.65 -2.56 6.32
N VAL A 192 -5.07 -3.79 6.62
CA VAL A 192 -5.59 -4.66 5.57
C VAL A 192 -6.90 -4.11 5.02
N ARG A 193 -7.68 -3.41 5.84
CA ARG A 193 -8.88 -2.75 5.32
C ARG A 193 -8.49 -1.65 4.32
N HIS A 194 -7.53 -0.81 4.71
CA HIS A 194 -7.09 0.26 3.81
C HIS A 194 -6.48 -0.30 2.53
N ILE A 195 -5.77 -1.42 2.63
CA ILE A 195 -5.11 -2.01 1.47
C ILE A 195 -6.14 -2.49 0.45
N LEU A 196 -7.13 -3.27 0.92
CA LEU A 196 -8.16 -3.77 0.01
C LEU A 196 -8.95 -2.64 -0.63
N LEU A 197 -9.19 -1.57 0.13
CA LEU A 197 -9.87 -0.40 -0.42
C LEU A 197 -9.08 0.20 -1.58
N LEU A 198 -7.77 0.36 -1.39
CA LEU A 198 -6.94 0.99 -2.41
C LEU A 198 -6.94 0.19 -3.71
N SER A 199 -7.11 -1.14 -3.62
CA SER A 199 -7.09 -1.95 -4.84
C SER A 199 -8.26 -1.63 -5.75
N ASN A 200 -9.41 -1.22 -5.18
CA ASN A 200 -10.55 -0.85 -6.01
C ASN A 200 -10.27 0.41 -6.82
N TYR A 201 -9.47 1.32 -6.28
CA TYR A 201 -9.14 2.54 -7.00
C TYR A 201 -7.95 2.37 -7.94
N LEU A 202 -7.09 1.39 -7.70
CA LEU A 202 -5.87 1.24 -8.48
C LEU A 202 -5.93 0.09 -9.49
N VAL A 203 -6.78 -0.90 -9.27
CA VAL A 203 -6.86 -2.08 -10.13
C VAL A 203 -8.17 -2.01 -10.91
N GLY A 204 -8.08 -2.28 -12.22
CA GLY A 204 -9.26 -2.23 -13.07
C GLY A 204 -9.78 -0.82 -13.31
N ASN A 205 -8.89 0.15 -13.43
CA ASN A 205 -9.26 1.55 -13.57
C ASN A 205 -8.62 2.09 -14.85
N LYS A 206 -9.45 2.57 -15.77
CA LYS A 206 -8.94 3.12 -17.03
C LYS A 206 -8.23 4.45 -16.84
N ASP A 207 -8.48 5.14 -15.73
CA ASP A 207 -7.83 6.41 -15.44
C ASP A 207 -6.47 6.26 -14.78
N VAL A 208 -6.09 5.04 -14.39
CA VAL A 208 -4.77 4.80 -13.80
C VAL A 208 -3.77 4.62 -14.94
N PRO A 209 -2.74 5.46 -15.02
CA PRO A 209 -1.86 5.46 -16.20
C PRO A 209 -0.88 4.30 -16.28
N VAL A 210 -0.86 3.39 -15.32
CA VAL A 210 0.06 2.26 -15.35
C VAL A 210 -0.76 0.98 -15.36
N ASP A 211 -0.32 0.02 -16.18
CA ASP A 211 -1.00 -1.28 -16.23
C ASP A 211 -0.68 -2.09 -14.98
N VAL A 212 -1.66 -2.87 -14.54
CA VAL A 212 -1.49 -3.69 -13.34
C VAL A 212 -0.44 -4.77 -13.57
N VAL A 213 -0.42 -5.36 -14.76
CA VAL A 213 0.56 -6.40 -15.07
C VAL A 213 1.97 -5.86 -14.91
N ALA A 214 2.19 -4.60 -15.30
CA ALA A 214 3.52 -4.02 -15.15
C ALA A 214 3.92 -3.92 -13.69
N VAL A 215 3.00 -3.47 -12.82
CA VAL A 215 3.32 -3.36 -11.40
C VAL A 215 3.41 -4.75 -10.76
N GLU A 216 2.65 -5.72 -11.28
CA GLU A 216 2.79 -7.09 -10.81
C GLU A 216 4.18 -7.64 -11.12
N ARG A 217 4.67 -7.40 -12.33
CA ARG A 217 6.03 -7.82 -12.69
C ARG A 217 7.06 -7.09 -11.84
N LEU A 218 6.84 -5.80 -11.60
CA LEU A 218 7.76 -5.03 -10.76
C LEU A 218 7.74 -5.54 -9.33
N THR A 219 6.57 -5.91 -8.81
CA THR A 219 6.50 -6.44 -7.46
C THR A 219 7.17 -7.80 -7.35
N ALA A 220 6.99 -8.65 -8.38
CA ALA A 220 7.62 -9.96 -8.37
C ALA A 220 9.14 -9.86 -8.24
N GLN A 221 9.71 -8.80 -8.73
CA GLN A 221 11.10 -8.61 -8.56
C GLN A 221 11.42 -8.39 -7.10
N TYR A 222 10.62 -7.61 -6.41
CA TYR A 222 10.84 -7.39 -4.99
C TYR A 222 10.70 -8.69 -4.21
N VAL A 223 9.72 -9.53 -4.56
CA VAL A 223 9.55 -10.80 -3.87
C VAL A 223 10.77 -11.69 -4.08
N GLU A 224 11.26 -11.77 -5.32
CA GLU A 224 12.44 -12.56 -5.60
C GLU A 224 13.66 -12.06 -4.81
N HIS A 225 13.73 -10.75 -4.58
CA HIS A 225 14.87 -10.18 -3.88
C HIS A 225 14.80 -10.41 -2.37
N TYR A 226 13.61 -10.47 -1.80
CA TYR A 226 13.44 -10.53 -0.36
C TYR A 226 12.96 -11.87 0.16
N ALA A 227 12.60 -12.81 -0.71
CA ALA A 227 12.21 -14.15 -0.30
C ALA A 227 13.32 -15.11 -0.72
N VAL A 228 14.35 -15.20 0.13
CA VAL A 228 15.53 -16.00 -0.18
C VAL A 228 15.83 -16.94 0.97
N GLY A 229 14.83 -17.20 1.81
CA GLY A 229 14.99 -18.10 2.94
C GLY A 229 16.05 -17.69 3.94
N LYS A 230 16.48 -16.44 3.89
CA LYS A 230 17.49 -15.94 4.80
C LYS A 230 17.44 -14.43 4.90
N PRO A 231 18.07 -13.86 5.92
CA PRO A 231 17.97 -12.40 6.10
C PRO A 231 18.66 -11.64 4.96
N VAL A 232 17.92 -10.71 4.37
CA VAL A 232 18.43 -9.93 3.25
C VAL A 232 19.43 -8.90 3.77
N ILE A 233 20.59 -8.82 3.11
CA ILE A 233 21.65 -7.90 3.51
C ILE A 233 21.64 -6.68 2.61
N THR A 234 21.80 -6.91 1.31
CA THR A 234 21.82 -5.83 0.34
C THR A 234 20.39 -5.45 -0.05
N GLU A 235 20.01 -4.21 0.22
CA GLU A 235 18.67 -3.74 -0.11
C GLU A 235 18.54 -3.50 -1.60
N ALA A 236 17.31 -3.65 -2.11
CA ALA A 236 17.05 -3.46 -3.53
C ALA A 236 17.05 -1.99 -3.93
N ASP A 237 16.77 -1.09 -2.99
CA ASP A 237 16.65 0.33 -3.26
C ASP A 237 17.80 1.10 -2.62
N ALA A 238 18.13 2.25 -3.21
CA ALA A 238 19.27 3.03 -2.73
C ALA A 238 19.05 3.52 -1.30
N THR A 239 17.83 3.97 -0.99
CA THR A 239 17.42 4.33 0.35
C THR A 239 16.11 3.63 0.65
N PRO A 240 15.78 3.44 1.93
CA PRO A 240 14.52 2.73 2.25
C PRO A 240 13.27 3.42 1.73
N ALA A 241 13.30 4.74 1.51
CA ALA A 241 12.12 5.50 1.14
C ALA A 241 12.05 5.81 -0.35
N GLU A 242 12.41 4.86 -1.20
CA GLU A 242 12.30 5.05 -2.65
C GLU A 242 12.25 3.69 -3.33
N VAL A 243 12.09 3.73 -4.65
CA VAL A 243 12.00 2.53 -5.48
C VAL A 243 13.14 2.55 -6.47
N ASN A 244 13.78 1.39 -6.66
CA ASN A 244 14.89 1.22 -7.60
C ASN A 244 14.54 1.83 -8.96
N ARG A 245 15.33 2.80 -9.38
CA ARG A 245 15.05 3.51 -10.63
C ARG A 245 15.25 2.61 -11.84
N ALA A 246 16.29 1.76 -11.81
CA ALA A 246 16.51 0.84 -12.93
C ALA A 246 15.35 -0.13 -13.08
N TRP A 247 14.72 -0.53 -11.97
CA TRP A 247 13.55 -1.39 -12.04
C TRP A 247 12.34 -0.62 -12.57
N LEU A 248 12.23 0.67 -12.23
CA LEU A 248 11.12 1.46 -12.76
C LEU A 248 11.25 1.67 -14.26
N GLU A 249 12.46 2.00 -14.73
CA GLU A 249 12.67 2.19 -16.15
C GLU A 249 12.38 0.91 -16.94
N ARG A 250 12.70 -0.24 -16.36
CA ARG A 250 12.52 -1.50 -17.08
C ARG A 250 11.07 -1.94 -17.12
N TYR A 251 10.39 -1.85 -15.98
CA TYR A 251 9.02 -2.32 -15.90
C TYR A 251 7.92 -1.32 -16.15
N ILE A 252 8.16 -0.07 -15.82
CA ILE A 252 7.16 0.97 -16.00
C ILE A 252 7.43 1.78 -17.25
N GLY A 253 8.70 2.01 -17.57
CA GLY A 253 9.07 2.81 -18.72
C GLY A 253 9.82 4.06 -18.30
N PRO A 254 10.07 4.96 -19.25
CA PRO A 254 10.76 6.20 -18.92
C PRO A 254 9.93 7.05 -17.97
N GLY A 255 10.62 7.87 -17.18
CA GLY A 255 9.93 8.79 -16.29
C GLY A 255 9.33 9.96 -17.05
N GLY A 256 8.24 10.49 -16.49
CA GLY A 256 7.53 11.60 -17.10
C GLY A 256 7.94 12.95 -16.53
N GLY A 257 7.27 13.97 -17.02
CA GLY A 257 7.51 15.33 -16.57
C GLY A 257 6.36 16.23 -16.98
N CYS A 258 6.54 17.52 -16.72
CA CYS A 258 5.52 18.52 -17.02
C CYS A 258 5.51 18.83 -18.51
N HIS A 259 4.36 18.62 -19.15
CA HIS A 259 4.25 18.91 -20.59
C HIS A 259 4.30 20.40 -20.88
N PHE A 260 4.10 21.25 -19.89
CA PHE A 260 4.06 22.70 -20.13
C PHE A 260 5.44 23.33 -20.07
N CYS A 261 6.17 23.14 -18.98
CA CYS A 261 7.48 23.74 -18.82
C CYS A 261 8.62 22.77 -19.07
N GLY A 262 8.37 21.47 -19.08
CA GLY A 262 9.39 20.48 -19.35
C GLY A 262 10.11 19.93 -18.13
N ALA A 263 9.85 20.49 -16.95
CA ALA A 263 10.56 20.05 -15.75
C ALA A 263 9.96 18.76 -15.20
N LYS A 264 10.82 17.97 -14.57
CA LYS A 264 10.38 16.76 -13.89
C LYS A 264 9.95 17.10 -12.47
N GLY A 265 9.14 16.20 -11.88
CA GLY A 265 8.68 16.35 -10.52
C GLY A 265 7.23 16.78 -10.39
N HIS A 266 6.62 17.29 -11.45
CA HIS A 266 5.23 17.71 -11.40
C HIS A 266 4.61 17.59 -12.78
N THR A 267 3.29 17.55 -12.82
CA THR A 267 2.54 17.46 -14.06
C THR A 267 2.01 18.83 -14.46
N GLU A 268 1.35 18.86 -15.63
CA GLU A 268 0.85 20.12 -16.17
C GLU A 268 -0.18 20.76 -15.24
N ALA A 269 -1.05 19.94 -14.65
CA ALA A 269 -2.09 20.47 -13.76
C ALA A 269 -1.50 21.09 -12.50
N GLU A 270 -0.29 20.71 -12.11
CA GLU A 270 0.37 21.26 -10.93
C GLU A 270 1.37 22.35 -11.26
N CYS A 271 1.53 22.68 -12.54
CA CYS A 271 2.61 23.58 -12.96
C CYS A 271 2.32 25.01 -12.49
N PHE A 272 3.22 25.56 -11.69
CA PHE A 272 3.09 26.95 -11.26
C PHE A 272 3.19 27.89 -12.44
N LYS A 273 4.10 27.62 -13.38
CA LYS A 273 4.32 28.52 -14.49
C LYS A 273 3.10 28.61 -15.41
N LYS A 274 2.41 27.49 -15.61
CA LYS A 274 1.20 27.54 -16.42
C LYS A 274 0.10 28.31 -15.72
N GLN A 275 -0.01 28.16 -14.39
CA GLN A 275 -1.03 28.90 -13.65
C GLN A 275 -0.71 30.38 -13.57
N ASN A 276 0.55 30.71 -13.28
CA ASN A 276 0.96 32.12 -13.21
C ASN A 276 0.96 32.80 -14.56
N GLY A 277 1.08 32.03 -15.65
CA GLY A 277 1.11 32.59 -16.99
C GLY A 277 -0.23 32.85 -17.62
N LYS A 278 -1.32 32.34 -17.02
CA LYS A 278 -2.65 32.56 -17.57
C LYS A 278 -2.99 34.05 -17.53
N ALA A 279 -3.62 34.52 -18.61
CA ALA A 279 -4.02 35.92 -18.69
C ALA A 279 -5.01 36.26 -17.58
N LYS A 280 -4.76 37.39 -16.91
CA LYS A 280 -5.60 37.85 -15.81
C LYS A 280 -5.97 39.30 -16.07
N CYS A 281 -7.28 39.57 -16.17
CA CYS A 281 -7.74 40.90 -16.53
C CYS A 281 -7.44 41.89 -15.42
N SER A 282 -6.70 42.95 -15.74
CA SER A 282 -6.33 43.94 -14.74
C SER A 282 -7.50 44.81 -14.33
N PHE A 283 -8.58 44.85 -15.11
CA PHE A 283 -9.71 45.71 -14.79
C PHE A 283 -10.80 44.99 -13.99
N CYS A 284 -11.04 43.71 -14.28
CA CYS A 284 -12.11 42.97 -13.61
C CYS A 284 -11.62 41.73 -12.86
N GLY A 285 -10.32 41.42 -12.93
CA GLY A 285 -9.75 40.35 -12.13
C GLY A 285 -9.90 38.94 -12.70
N GLU A 286 -10.77 38.74 -13.68
CA GLU A 286 -11.01 37.41 -14.21
C GLU A 286 -9.77 36.89 -14.93
N VAL A 287 -9.55 35.58 -14.82
CA VAL A 287 -8.54 34.89 -15.62
C VAL A 287 -9.17 34.48 -16.94
N GLY A 288 -8.42 34.65 -18.03
CA GLY A 288 -8.92 34.28 -19.34
C GLY A 288 -8.78 35.35 -20.40
N HIS A 289 -8.74 36.62 -20.00
CA HIS A 289 -8.62 37.71 -20.95
C HIS A 289 -7.83 38.84 -20.31
N THR A 290 -7.38 39.77 -21.15
CA THR A 290 -6.65 40.95 -20.72
C THR A 290 -7.56 42.17 -20.73
N ALA A 291 -7.05 43.27 -20.18
CA ALA A 291 -7.84 44.50 -20.10
C ALA A 291 -8.15 45.06 -21.48
N ARG A 292 -7.26 44.87 -22.45
CA ARG A 292 -7.52 45.33 -23.81
C ARG A 292 -8.71 44.63 -24.44
N ASN A 293 -9.07 43.45 -23.94
CA ASN A 293 -10.19 42.67 -24.48
C ASN A 293 -11.34 42.52 -23.48
N CYS A 294 -11.34 43.30 -22.40
CA CYS A 294 -12.38 43.16 -21.38
C CYS A 294 -13.66 43.86 -21.82
N PHE A 295 -14.77 43.13 -21.81
CA PHE A 295 -16.06 43.73 -22.15
C PHE A 295 -16.51 44.71 -21.09
N LYS A 296 -16.17 44.47 -19.82
CA LYS A 296 -16.56 45.38 -18.75
C LYS A 296 -15.86 46.72 -18.89
N LYS A 297 -14.57 46.71 -19.24
CA LYS A 297 -13.84 47.96 -19.39
C LYS A 297 -14.16 48.64 -20.73
N HIS A 298 -14.38 47.84 -21.78
CA HIS A 298 -14.65 48.36 -23.12
C HIS A 298 -16.00 47.82 -23.59
N PRO A 299 -17.10 48.47 -23.21
CA PRO A 299 -18.43 48.01 -23.65
C PRO A 299 -18.66 48.13 -25.14
N GLN A 300 -17.78 48.83 -25.87
CA GLN A 300 -17.86 48.87 -27.32
C GLN A 300 -17.62 47.50 -27.94
N LEU A 301 -17.09 46.55 -27.18
CA LEU A 301 -16.89 45.18 -27.64
C LEU A 301 -18.14 44.32 -27.47
N LEU A 302 -18.81 44.42 -26.33
CA LEU A 302 -20.01 43.65 -26.07
C LEU A 302 -21.20 44.19 -26.86
ZN ZN B . 5.64 22.74 -15.29
ZN ZN C . -12.04 41.97 -17.58
MN MN D . 2.99 -4.07 6.72
MN MN E . 0.43 -3.07 9.67
N1 U5P F . 5.64 21.74 -7.71
C2 U5P F . 4.43 22.02 -8.32
N3 U5P F . 4.50 22.83 -9.42
C4 U5P F . 5.65 23.38 -9.97
C5 U5P F . 6.86 23.05 -9.29
C6 U5P F . 6.82 22.25 -8.21
O2 U5P F . 3.36 21.58 -7.90
O4 U5P F . 5.55 24.10 -10.97
C1' U5P F . 5.61 20.87 -6.53
C2' U5P F . 5.96 19.41 -6.81
O2' U5P F . 4.85 18.69 -7.29
C3' U5P F . 6.47 18.96 -5.45
C4' U5P F . 7.18 20.21 -4.92
O3' U5P F . 5.37 18.64 -4.60
O4' U5P F . 6.59 21.33 -5.61
C5' U5P F . 8.68 20.24 -5.11
O5' U5P F . 9.04 20.29 -6.48
P U5P F . 10.49 20.82 -6.92
O1P U5P F . 10.36 21.31 -8.32
O2P U5P F . 11.45 19.74 -6.62
O3P U5P F . 10.82 21.98 -6.07
#